data_2IJ0
#
_entry.id   2IJ0
#
_cell.length_a   190.898
_cell.length_b   68.372
_cell.length_c   53.549
_cell.angle_alpha   90.000
_cell.angle_beta   106.240
_cell.angle_gamma   90.000
#
_symmetry.space_group_name_H-M   'C 1 2 1'
#
loop_
_entity.id
_entity.type
_entity.pdbx_description
1 polymer 'Toxic shock syndrome toxin-1'
2 polymer 'penultimate affinity-matured variant of hVbeta 2.1, D10'
3 water water
#
loop_
_entity_poly.entity_id
_entity_poly.type
_entity_poly.pdbx_seq_one_letter_code
_entity_poly.pdbx_strand_id
1 'polypeptide(L)'
;STNDNIKDLLDWYSSGSDTFTNSEVLDNSLGSMRIKNTDGSISLIIFPSPYYSPAFTKGEKVDLNTKRTKKSQHTSEGTY
IHFQISGVTNTEKLPTPIELPLKVKVHGKDSPLKYWPKFDKKQLAISTLDFEIRHQLTQIHGLYRSSDKTGGYWKITMND
GSTYQSDLSKKFEYNTEKPPINIDEIKTIEAEIN
;
A,B
2 'polypeptide(L)'
;GAVVSQHPSMVIVKSGTSVKIECRSLDTNIHTMFWYRQFPKQSLMLMATSHQGFNAIYEQGVVKDKFLINHASPTLSTLT
VTSAHPEDSGFYVCSALAGSGSSTDTQYFGPGTQLTVL
;
E,C
#
# COMPACT_ATOMS: atom_id res chain seq x y z
N ASP A 4 -6.04 -24.47 32.18
CA ASP A 4 -6.37 -25.37 31.02
C ASP A 4 -6.21 -24.66 29.66
N ASN A 5 -6.96 -25.16 28.66
CA ASN A 5 -6.92 -24.66 27.26
C ASN A 5 -7.41 -23.22 27.07
N ILE A 6 -7.83 -22.56 28.15
CA ILE A 6 -8.39 -21.20 28.07
C ILE A 6 -7.36 -20.14 27.66
N LYS A 7 -6.09 -20.44 27.88
CA LYS A 7 -5.06 -19.55 27.37
C LYS A 7 -4.89 -19.72 25.86
N ASP A 8 -5.11 -20.94 25.35
CA ASP A 8 -5.03 -21.19 23.92
C ASP A 8 -6.18 -20.45 23.22
N LEU A 9 -7.34 -20.42 23.87
CA LEU A 9 -8.51 -19.70 23.37
C LEU A 9 -8.25 -18.21 23.35
N LEU A 10 -7.58 -17.69 24.39
CA LEU A 10 -7.28 -16.28 24.46
C LEU A 10 -6.39 -15.86 23.35
N ASP A 11 -5.21 -16.52 23.18
CA ASP A 11 -4.25 -16.08 22.17
C ASP A 11 -4.84 -16.17 20.79
N TRP A 12 -5.72 -17.14 20.56
CA TRP A 12 -6.38 -17.29 19.26
C TRP A 12 -7.29 -16.10 19.00
N TYR A 13 -8.18 -15.79 19.94
CA TYR A 13 -9.28 -14.79 19.73
C TYR A 13 -8.91 -13.33 20.02
N SER A 14 -8.02 -13.12 20.99
CA SER A 14 -7.43 -11.83 21.29
C SER A 14 -6.37 -11.42 20.23
N SER A 15 -6.16 -12.24 19.22
CA SER A 15 -5.14 -11.88 18.21
C SER A 15 -5.79 -11.29 16.99
N GLY A 16 -4.96 -10.77 16.08
CA GLY A 16 -5.39 -10.17 14.83
C GLY A 16 -5.81 -11.24 13.85
N SER A 17 -6.14 -10.84 12.62
CA SER A 17 -6.67 -11.75 11.64
C SER A 17 -6.22 -11.16 10.35
N ASP A 18 -6.32 -11.95 9.29
CA ASP A 18 -6.02 -11.53 7.93
C ASP A 18 -7.27 -11.13 7.17
N THR A 19 -7.20 -9.95 6.58
CA THR A 19 -8.26 -9.64 5.73
C THR A 19 -7.79 -9.15 4.45
N PHE A 20 -8.09 -9.89 3.39
CA PHE A 20 -7.77 -9.47 2.05
C PHE A 20 -9.02 -9.35 1.21
N THR A 21 -9.06 -8.34 0.33
CA THR A 21 -10.12 -8.19 -0.62
C THR A 21 -9.64 -8.52 -2.03
N ASN A 22 -10.50 -9.20 -2.78
CA ASN A 22 -10.32 -9.35 -4.21
C ASN A 22 -9.07 -10.16 -4.59
N SER A 23 -8.83 -11.27 -3.89
CA SER A 23 -7.74 -12.19 -4.19
C SER A 23 -8.18 -13.13 -5.30
N GLU A 24 -7.20 -13.74 -5.98
CA GLU A 24 -7.46 -14.67 -7.08
C GLU A 24 -7.21 -16.12 -6.66
N VAL A 25 -8.11 -17.01 -7.07
CA VAL A 25 -7.99 -18.42 -6.73
C VAL A 25 -7.13 -19.00 -7.84
N LEU A 26 -6.22 -19.89 -7.47
CA LEU A 26 -5.41 -20.57 -8.49
C LEU A 26 -5.64 -22.05 -8.33
N ASP A 27 -5.96 -22.49 -7.12
CA ASP A 27 -6.22 -23.89 -6.84
C ASP A 27 -7.41 -24.03 -5.89
N ASN A 28 -8.30 -24.97 -6.20
CA ASN A 28 -9.38 -25.26 -5.28
C ASN A 28 -9.72 -26.72 -5.39
N SER A 29 -9.63 -27.40 -4.26
CA SER A 29 -10.01 -28.81 -4.20
C SER A 29 -10.99 -29.07 -3.05
N LEU A 30 -10.75 -30.19 -2.40
CA LEU A 30 -11.56 -30.62 -1.29
C LEU A 30 -11.64 -29.53 -0.20
N GLY A 31 -10.75 -29.70 0.76
CA GLY A 31 -10.64 -28.79 1.85
C GLY A 31 -9.37 -28.01 1.75
N SER A 32 -9.07 -27.49 0.56
CA SER A 32 -7.88 -26.65 0.36
C SER A 32 -8.00 -25.68 -0.77
N MET A 33 -7.50 -24.46 -0.56
CA MET A 33 -7.47 -23.45 -1.61
C MET A 33 -6.15 -22.72 -1.63
N ARG A 34 -5.63 -22.46 -2.83
CA ARG A 34 -4.43 -21.64 -2.94
C ARG A 34 -4.84 -20.36 -3.59
N ILE A 35 -4.63 -19.28 -2.88
CA ILE A 35 -5.18 -18.01 -3.28
C ILE A 35 -4.07 -16.97 -3.39
N LYS A 36 -4.13 -16.16 -4.44
CA LYS A 36 -3.11 -15.14 -4.59
C LYS A 36 -3.74 -13.83 -4.20
N ASN A 37 -3.16 -13.19 -3.20
CA ASN A 37 -3.68 -11.93 -2.73
C ASN A 37 -3.08 -10.79 -3.53
N THR A 38 -3.49 -9.55 -3.21
CA THR A 38 -3.04 -8.34 -3.94
C THR A 38 -1.80 -7.67 -3.28
N ASP A 39 -0.76 -8.47 -3.03
CA ASP A 39 0.39 -7.96 -2.29
C ASP A 39 1.78 -8.61 -2.48
N GLY A 40 1.96 -9.58 -3.35
CA GLY A 40 0.97 -10.42 -3.99
C GLY A 40 1.29 -11.78 -3.37
N SER A 41 1.15 -11.79 -2.05
CA SER A 41 1.32 -12.95 -1.20
C SER A 41 0.47 -14.17 -1.59
N ILE A 42 0.86 -15.35 -1.10
CA ILE A 42 0.14 -16.61 -1.40
C ILE A 42 -0.61 -17.06 -0.13
N SER A 43 -1.88 -17.37 -0.23
CA SER A 43 -2.52 -17.95 0.93
C SER A 43 -2.97 -19.37 0.68
N LEU A 44 -2.49 -20.28 1.54
CA LEU A 44 -2.82 -21.68 1.47
C LEU A 44 -3.82 -21.90 2.62
N ILE A 45 -5.10 -22.14 2.29
CA ILE A 45 -6.20 -22.09 3.28
C ILE A 45 -6.96 -23.42 3.33
N ILE A 46 -7.12 -23.99 4.51
CA ILE A 46 -7.77 -25.27 4.58
C ILE A 46 -9.21 -25.09 4.99
N PHE A 47 -10.03 -26.05 4.56
CA PHE A 47 -11.46 -26.06 4.80
C PHE A 47 -11.75 -27.45 5.22
N PRO A 48 -11.62 -27.74 6.51
CA PRO A 48 -11.87 -29.09 6.99
C PRO A 48 -13.33 -29.53 7.01
N SER A 49 -14.28 -28.58 6.85
CA SER A 49 -15.70 -28.94 6.95
C SER A 49 -16.29 -29.44 5.65
N PRO A 50 -16.85 -30.68 5.62
CA PRO A 50 -17.53 -31.03 4.35
C PRO A 50 -18.73 -30.09 3.98
N TYR A 51 -19.24 -29.31 4.93
CA TYR A 51 -20.49 -28.48 4.71
C TYR A 51 -20.15 -27.08 4.26
N TYR A 52 -18.84 -26.82 4.10
CA TYR A 52 -18.27 -25.58 3.59
C TYR A 52 -16.93 -25.83 2.82
N SER A 53 -17.06 -26.04 1.51
CA SER A 53 -15.97 -26.07 0.54
C SER A 53 -16.34 -25.08 -0.54
N PRO A 54 -15.78 -23.87 -0.45
CA PRO A 54 -16.02 -22.86 -1.45
C PRO A 54 -15.94 -23.44 -2.85
N ALA A 55 -16.89 -23.06 -3.70
CA ALA A 55 -16.99 -23.59 -5.06
C ALA A 55 -16.22 -22.76 -6.08
N PHE A 56 -15.52 -21.73 -5.59
CA PHE A 56 -14.79 -20.79 -6.42
C PHE A 56 -13.72 -21.57 -7.21
N THR A 57 -13.67 -21.31 -8.52
CA THR A 57 -12.77 -21.99 -9.46
C THR A 57 -11.58 -21.09 -9.79
N LYS A 58 -10.55 -21.64 -10.44
CA LYS A 58 -9.32 -20.93 -10.76
C LYS A 58 -9.66 -19.63 -11.49
N GLY A 59 -9.09 -18.53 -11.00
CA GLY A 59 -9.27 -17.21 -11.61
C GLY A 59 -10.36 -16.35 -10.99
N GLU A 60 -11.38 -16.97 -10.38
CA GLU A 60 -12.44 -16.22 -9.64
C GLU A 60 -11.89 -15.35 -8.50
N LYS A 61 -12.57 -14.24 -8.19
CA LYS A 61 -12.18 -13.36 -7.08
C LYS A 61 -12.96 -13.70 -5.80
N VAL A 62 -12.22 -13.61 -4.69
CA VAL A 62 -12.68 -14.03 -3.38
C VAL A 62 -12.15 -13.02 -2.39
N ASP A 63 -12.78 -12.97 -1.22
CA ASP A 63 -12.40 -12.12 -0.13
C ASP A 63 -12.00 -13.06 0.97
N LEU A 64 -11.02 -12.66 1.78
CA LEU A 64 -10.52 -13.45 2.90
C LEU A 64 -10.66 -12.73 4.19
N ASN A 65 -11.11 -13.49 5.17
CA ASN A 65 -11.26 -13.01 6.55
C ASN A 65 -10.96 -14.26 7.40
N THR A 66 -9.67 -14.58 7.51
CA THR A 66 -9.13 -15.89 7.89
C THR A 66 -8.15 -15.75 9.06
N LYS A 67 -7.86 -16.85 9.74
CA LYS A 67 -6.90 -16.86 10.84
C LYS A 67 -5.81 -17.81 10.42
N ARG A 68 -4.62 -17.63 10.95
CA ARG A 68 -3.51 -18.45 10.47
C ARG A 68 -3.38 -19.70 11.30
N THR A 69 -3.09 -20.80 10.64
CA THR A 69 -2.86 -22.09 11.36
C THR A 69 -1.39 -22.28 11.93
N LYS A 70 -0.45 -21.60 11.28
CA LYS A 70 0.89 -21.38 11.82
C LYS A 70 1.63 -20.27 11.07
N LYS A 71 2.89 -20.07 11.47
CA LYS A 71 3.82 -19.08 10.92
C LYS A 71 3.70 -18.99 9.41
N SER A 72 3.47 -17.76 8.92
CA SER A 72 3.50 -17.52 7.50
C SER A 72 4.97 -17.61 7.08
N GLN A 73 5.21 -17.96 5.83
CA GLN A 73 6.55 -18.32 5.43
C GLN A 73 7.30 -17.31 4.57
N HIS A 74 8.55 -17.13 4.98
CA HIS A 74 9.67 -16.59 4.21
C HIS A 74 9.38 -15.65 3.07
N THR A 75 10.30 -15.72 2.09
CA THR A 75 10.69 -14.59 1.24
C THR A 75 12.06 -14.88 0.59
N SER A 76 12.07 -14.96 -0.75
CA SER A 76 13.28 -14.63 -1.51
C SER A 76 12.94 -13.38 -2.26
N GLU A 77 11.76 -13.40 -2.90
CA GLU A 77 11.26 -12.28 -3.68
C GLU A 77 10.41 -11.32 -2.83
N GLY A 78 10.36 -11.56 -1.52
CA GLY A 78 9.55 -10.75 -0.59
C GLY A 78 8.15 -11.36 -0.51
N THR A 79 8.00 -12.51 -1.18
CA THR A 79 6.72 -13.26 -1.30
C THR A 79 6.51 -14.02 0.02
N TYR A 80 5.29 -13.87 0.57
CA TYR A 80 5.06 -14.07 1.99
C TYR A 80 3.90 -15.04 2.24
N ILE A 81 4.10 -16.30 1.83
CA ILE A 81 3.15 -17.44 1.96
C ILE A 81 2.48 -17.61 3.33
N HIS A 82 1.14 -17.53 3.34
CA HIS A 82 0.32 -17.69 4.57
C HIS A 82 -0.35 -19.04 4.65
N PHE A 83 -0.48 -19.55 5.87
CA PHE A 83 -1.09 -20.86 6.09
C PHE A 83 -2.34 -20.60 6.93
N GLN A 84 -3.46 -20.58 6.27
CA GLN A 84 -4.73 -20.13 6.92
C GLN A 84 -5.87 -21.17 7.06
N ILE A 85 -7.01 -20.77 7.66
CA ILE A 85 -8.09 -21.72 7.82
C ILE A 85 -9.48 -21.04 7.74
N SER A 86 -10.24 -21.48 6.73
CA SER A 86 -11.59 -21.04 6.49
C SER A 86 -11.60 -19.61 6.11
N GLY A 87 -12.80 -19.01 6.04
CA GLY A 87 -12.95 -17.58 5.84
C GLY A 87 -12.83 -17.07 4.44
N VAL A 88 -13.18 -17.89 3.46
CA VAL A 88 -13.20 -17.42 2.08
C VAL A 88 -14.62 -17.15 1.59
N THR A 89 -14.88 -15.98 1.00
CA THR A 89 -16.23 -15.60 0.59
C THR A 89 -16.20 -14.89 -0.74
N ASN A 90 -17.38 -14.45 -1.22
CA ASN A 90 -17.38 -13.73 -2.50
C ASN A 90 -17.06 -12.29 -2.21
N THR A 91 -16.89 -11.49 -3.25
CA THR A 91 -16.53 -10.08 -3.16
C THR A 91 -17.77 -9.13 -3.15
N GLU A 92 -18.97 -9.71 -3.08
CA GLU A 92 -20.21 -8.89 -3.04
C GLU A 92 -20.10 -7.92 -1.90
N LYS A 93 -20.20 -6.64 -2.20
CA LYS A 93 -20.18 -5.63 -1.18
C LYS A 93 -21.56 -5.05 -0.87
N LEU A 94 -21.68 -4.52 0.34
CA LEU A 94 -22.84 -3.77 0.75
C LEU A 94 -22.61 -2.31 0.32
N PRO A 95 -23.74 -1.53 0.08
CA PRO A 95 -23.73 -0.13 -0.35
C PRO A 95 -22.95 0.76 0.58
N THR A 96 -23.11 0.54 1.88
CA THR A 96 -22.40 1.24 2.96
C THR A 96 -22.15 0.19 4.08
N PRO A 97 -21.16 0.43 4.97
CA PRO A 97 -20.88 -0.42 6.09
C PRO A 97 -22.03 -0.38 7.09
N ILE A 98 -22.38 -1.57 7.61
CA ILE A 98 -23.41 -1.72 8.60
C ILE A 98 -22.79 -2.21 9.87
N GLU A 99 -23.42 -1.84 10.98
CA GLU A 99 -23.09 -2.41 12.24
C GLU A 99 -24.09 -3.53 12.52
N LEU A 100 -23.49 -4.72 12.67
CA LEU A 100 -24.22 -5.92 13.08
C LEU A 100 -24.71 -5.75 14.50
N PRO A 101 -26.00 -6.05 14.73
CA PRO A 101 -26.48 -5.74 16.08
C PRO A 101 -25.99 -6.75 17.10
N LEU A 102 -25.16 -6.30 18.04
CA LEU A 102 -24.56 -7.19 19.00
C LEU A 102 -24.82 -6.65 20.37
N LYS A 103 -25.39 -7.47 21.23
CA LYS A 103 -25.62 -7.05 22.61
C LYS A 103 -24.92 -8.05 23.48
N VAL A 104 -24.20 -7.54 24.48
CA VAL A 104 -23.41 -8.35 25.38
C VAL A 104 -23.88 -8.18 26.81
N LYS A 105 -23.78 -9.28 27.56
CA LYS A 105 -24.24 -9.34 28.92
C LYS A 105 -23.23 -10.10 29.71
N VAL A 106 -22.77 -9.49 30.81
CA VAL A 106 -22.00 -10.19 31.84
C VAL A 106 -22.24 -9.53 33.20
N HIS A 107 -22.65 -10.27 34.22
CA HIS A 107 -23.11 -11.64 34.18
C HIS A 107 -24.59 -11.40 34.38
N GLY A 108 -25.36 -11.48 33.31
CA GLY A 108 -26.75 -11.00 33.34
C GLY A 108 -26.91 -9.48 33.38
N LYS A 109 -25.81 -8.76 33.24
CA LYS A 109 -25.82 -7.29 33.18
C LYS A 109 -25.16 -6.75 31.91
N ASP A 110 -25.82 -5.79 31.27
CA ASP A 110 -25.37 -5.23 30.01
C ASP A 110 -23.93 -4.77 30.11
N SER A 111 -23.20 -5.00 29.01
CA SER A 111 -21.80 -4.63 28.89
C SER A 111 -21.69 -3.90 27.55
N PRO A 112 -21.65 -2.55 27.61
CA PRO A 112 -21.55 -1.68 26.44
C PRO A 112 -20.36 -1.97 25.53
N LEU A 113 -20.63 -1.88 24.23
CA LEU A 113 -19.60 -2.22 23.22
C LEU A 113 -18.55 -1.15 23.08
N LYS A 114 -17.36 -1.55 22.61
CA LYS A 114 -16.38 -0.57 22.24
C LYS A 114 -15.54 -1.13 21.11
N TYR A 115 -15.38 -0.34 20.06
CA TYR A 115 -14.64 -0.68 18.84
C TYR A 115 -15.21 -1.90 18.14
N TRP A 116 -16.52 -2.02 18.22
CA TRP A 116 -17.22 -3.03 17.49
C TRP A 116 -17.36 -2.52 16.06
N PRO A 117 -16.67 -3.14 15.08
CA PRO A 117 -16.54 -2.52 13.78
C PRO A 117 -17.70 -2.79 12.86
N LYS A 118 -17.72 -2.10 11.73
CA LYS A 118 -18.72 -2.26 10.70
C LYS A 118 -18.15 -3.09 9.59
N PHE A 119 -19.06 -3.73 8.83
CA PHE A 119 -18.62 -4.59 7.73
C PHE A 119 -19.27 -4.13 6.44
N ASP A 120 -18.50 -4.17 5.35
CA ASP A 120 -18.95 -3.71 4.03
C ASP A 120 -19.25 -4.84 3.04
N LYS A 121 -19.21 -6.08 3.54
CA LYS A 121 -19.37 -7.27 2.77
C LYS A 121 -20.75 -7.86 2.95
N LYS A 122 -21.27 -8.42 1.86
CA LYS A 122 -22.53 -9.15 1.87
C LYS A 122 -22.47 -10.44 2.70
N GLN A 123 -21.44 -11.23 2.49
CA GLN A 123 -21.33 -12.47 3.22
C GLN A 123 -20.13 -12.55 4.11
N LEU A 124 -20.29 -13.15 5.28
CA LEU A 124 -19.15 -13.53 6.05
C LEU A 124 -19.28 -14.98 6.47
N ALA A 125 -18.11 -15.64 6.53
CA ALA A 125 -18.02 -16.98 7.07
C ALA A 125 -18.49 -16.97 8.49
N ILE A 126 -19.08 -18.07 8.92
CA ILE A 126 -19.48 -18.20 10.31
C ILE A 126 -18.25 -18.24 11.22
N SER A 127 -17.15 -18.87 10.76
CA SER A 127 -15.92 -18.79 11.52
C SER A 127 -15.48 -17.33 11.75
N THR A 128 -15.66 -16.47 10.76
CA THR A 128 -15.23 -15.09 10.89
C THR A 128 -16.13 -14.31 11.87
N LEU A 129 -17.41 -14.51 11.79
CA LEU A 129 -18.32 -13.86 12.76
C LEU A 129 -17.96 -14.33 14.13
N ASP A 130 -17.63 -15.61 14.26
CA ASP A 130 -17.21 -16.13 15.56
C ASP A 130 -16.00 -15.35 16.06
N PHE A 131 -14.91 -15.36 15.28
CA PHE A 131 -13.68 -14.76 15.78
C PHE A 131 -13.76 -13.25 15.93
N GLU A 132 -14.68 -12.64 15.16
CA GLU A 132 -14.96 -11.23 15.35
C GLU A 132 -15.78 -10.98 16.60
N ILE A 133 -16.88 -11.71 16.79
CA ILE A 133 -17.61 -11.64 18.09
C ILE A 133 -16.73 -11.91 19.28
N ARG A 134 -15.97 -13.00 19.24
CA ARG A 134 -15.16 -13.34 20.42
C ARG A 134 -14.07 -12.37 20.70
N HIS A 135 -13.56 -11.74 19.63
CA HIS A 135 -12.50 -10.74 19.80
C HIS A 135 -13.08 -9.52 20.47
N GLN A 136 -14.20 -9.02 20.01
CA GLN A 136 -14.92 -8.06 20.82
C GLN A 136 -14.97 -8.51 22.27
N LEU A 137 -15.25 -9.79 22.52
CA LEU A 137 -15.49 -10.28 23.88
C LEU A 137 -14.23 -10.36 24.70
N THR A 138 -13.13 -10.84 24.08
CA THR A 138 -11.88 -10.96 24.78
C THR A 138 -11.25 -9.61 25.03
N GLN A 139 -11.55 -8.62 24.19
CA GLN A 139 -10.83 -7.36 24.28
C GLN A 139 -11.56 -6.36 25.11
N ILE A 140 -12.89 -6.40 25.08
CA ILE A 140 -13.69 -5.39 25.83
C ILE A 140 -14.37 -6.01 27.05
N HIS A 141 -14.70 -7.29 26.99
CA HIS A 141 -15.59 -7.78 28.01
C HIS A 141 -15.02 -8.79 29.01
N GLY A 142 -13.70 -9.06 28.91
CA GLY A 142 -13.00 -9.92 29.87
C GLY A 142 -12.96 -11.43 29.58
N LEU A 143 -13.49 -11.84 28.42
CA LEU A 143 -13.47 -13.23 28.01
C LEU A 143 -12.06 -13.81 28.05
N TYR A 144 -11.94 -14.90 28.82
CA TYR A 144 -10.73 -15.68 29.02
C TYR A 144 -9.69 -14.95 29.83
N ARG A 145 -10.00 -13.74 30.26
CA ARG A 145 -8.95 -12.92 30.89
C ARG A 145 -9.10 -12.99 32.41
N SER A 146 -10.30 -13.40 32.82
CA SER A 146 -10.66 -13.51 34.21
C SER A 146 -11.31 -14.87 34.47
N SER A 147 -11.20 -15.35 35.72
CA SER A 147 -11.64 -16.70 36.04
C SER A 147 -13.15 -16.81 36.15
N ASP A 148 -13.84 -15.68 36.30
CA ASP A 148 -15.30 -15.75 36.28
C ASP A 148 -15.84 -15.57 34.87
N LYS A 149 -14.94 -15.66 33.87
CA LYS A 149 -15.24 -15.27 32.47
C LYS A 149 -14.53 -16.16 31.47
N THR A 150 -14.85 -17.45 31.53
CA THR A 150 -14.14 -18.50 30.79
C THR A 150 -15.06 -19.19 29.75
N GLY A 151 -16.36 -19.02 29.94
CA GLY A 151 -17.37 -19.69 29.15
C GLY A 151 -18.60 -18.82 28.93
N GLY A 152 -19.62 -19.40 28.31
CA GLY A 152 -20.82 -18.65 27.95
C GLY A 152 -21.21 -19.04 26.55
N TYR A 153 -21.89 -18.14 25.85
CA TYR A 153 -22.30 -18.39 24.48
C TYR A 153 -22.41 -17.10 23.70
N TRP A 154 -22.41 -17.22 22.36
CA TRP A 154 -22.95 -16.20 21.49
C TRP A 154 -23.98 -16.84 20.59
N LYS A 155 -24.91 -16.01 20.10
CA LYS A 155 -26.03 -16.53 19.37
C LYS A 155 -26.50 -15.48 18.42
N ILE A 156 -26.53 -15.88 17.17
CA ILE A 156 -27.13 -15.12 16.10
C ILE A 156 -28.60 -15.49 15.87
N THR A 157 -29.35 -14.56 15.30
CA THR A 157 -30.70 -14.81 14.91
C THR A 157 -30.93 -14.09 13.64
N MET A 158 -31.28 -14.86 12.61
CA MET A 158 -31.55 -14.31 11.32
C MET A 158 -32.96 -13.71 11.22
N ASN A 159 -33.14 -12.90 10.19
CA ASN A 159 -34.38 -12.18 9.96
C ASN A 159 -35.53 -13.16 9.88
N ASP A 160 -35.22 -14.39 9.48
CA ASP A 160 -36.21 -15.45 9.32
C ASP A 160 -36.34 -16.34 10.52
N GLY A 161 -35.82 -15.98 11.67
CA GLY A 161 -35.97 -16.79 12.88
C GLY A 161 -34.90 -17.80 13.19
N SER A 162 -34.09 -18.17 12.17
CA SER A 162 -32.94 -19.07 12.36
C SER A 162 -32.07 -18.61 13.46
N THR A 163 -31.54 -19.54 14.25
CA THR A 163 -30.56 -19.16 15.23
C THR A 163 -29.25 -20.01 15.04
N TYR A 164 -28.08 -19.38 15.22
CA TYR A 164 -26.85 -20.12 15.41
C TYR A 164 -26.33 -19.73 16.80
N GLN A 165 -25.84 -20.71 17.56
CA GLN A 165 -25.26 -20.49 18.85
C GLN A 165 -23.90 -21.18 18.97
N SER A 166 -22.91 -20.45 19.47
CA SER A 166 -21.59 -21.00 19.70
C SER A 166 -21.21 -20.94 21.17
N ASP A 167 -20.81 -22.09 21.71
CA ASP A 167 -20.32 -22.22 23.08
C ASP A 167 -19.01 -21.51 23.26
N LEU A 168 -18.98 -20.55 24.19
CA LEU A 168 -17.77 -19.77 24.38
C LEU A 168 -16.56 -20.49 24.99
N SER A 169 -16.80 -21.67 25.55
CA SER A 169 -15.77 -22.31 26.37
C SER A 169 -14.99 -23.32 25.57
N LYS A 170 -15.48 -23.56 24.37
CA LYS A 170 -14.89 -24.41 23.36
C LYS A 170 -14.52 -23.56 22.12
N LYS A 171 -13.44 -23.96 21.44
CA LYS A 171 -13.06 -23.40 20.17
C LYS A 171 -14.14 -23.66 19.14
N PHE A 172 -14.32 -22.74 18.20
CA PHE A 172 -15.15 -22.94 17.01
C PHE A 172 -14.80 -24.27 16.41
N GLU A 173 -15.82 -25.07 16.13
CA GLU A 173 -15.54 -26.32 15.48
C GLU A 173 -15.58 -26.08 14.00
N TYR A 174 -14.36 -25.93 13.46
CA TYR A 174 -14.14 -25.68 12.08
C TYR A 174 -14.58 -26.85 11.21
N ASN A 175 -14.37 -28.08 11.65
CA ASN A 175 -14.87 -29.24 10.85
C ASN A 175 -16.38 -29.44 10.84
N THR A 176 -17.11 -28.53 11.49
CA THR A 176 -18.55 -28.58 11.63
C THR A 176 -19.17 -27.43 10.81
N GLU A 177 -18.32 -26.57 10.20
CA GLU A 177 -18.74 -25.26 9.74
C GLU A 177 -19.58 -25.36 8.50
N LYS A 178 -20.65 -24.56 8.45
CA LYS A 178 -21.56 -24.44 7.32
C LYS A 178 -21.16 -23.22 6.49
N PRO A 179 -21.75 -23.08 5.28
CA PRO A 179 -21.47 -21.93 4.41
C PRO A 179 -21.73 -20.55 5.00
N PRO A 180 -21.03 -19.54 4.44
CA PRO A 180 -21.15 -18.12 4.82
C PRO A 180 -22.62 -17.65 4.75
N ILE A 181 -22.96 -16.69 5.57
CA ILE A 181 -24.30 -16.12 5.57
C ILE A 181 -24.26 -14.63 5.20
N ASN A 182 -25.40 -14.15 4.66
CA ASN A 182 -25.63 -12.75 4.45
C ASN A 182 -25.83 -12.07 5.80
N ILE A 183 -24.90 -11.20 6.11
CA ILE A 183 -24.82 -10.56 7.42
C ILE A 183 -25.89 -9.47 7.53
N ASP A 184 -26.40 -9.01 6.40
CA ASP A 184 -27.51 -8.06 6.39
C ASP A 184 -28.84 -8.76 6.74
N GLU A 185 -28.83 -10.09 6.72
CA GLU A 185 -29.96 -10.91 7.08
C GLU A 185 -29.92 -11.24 8.55
N ILE A 186 -28.85 -10.83 9.23
CA ILE A 186 -28.75 -11.05 10.65
C ILE A 186 -29.69 -10.07 11.42
N LYS A 187 -30.52 -10.59 12.28
CA LYS A 187 -31.43 -9.73 13.03
C LYS A 187 -30.75 -9.26 14.29
N THR A 188 -30.33 -10.21 15.12
CA THR A 188 -29.60 -9.91 16.33
C THR A 188 -28.35 -10.79 16.48
N ILE A 189 -27.33 -10.27 17.15
CA ILE A 189 -26.34 -11.11 17.75
C ILE A 189 -26.34 -10.90 19.24
N GLU A 190 -26.32 -11.97 20.00
CA GLU A 190 -26.29 -11.88 21.47
C GLU A 190 -25.11 -12.66 22.01
N ALA A 191 -24.44 -12.14 23.03
CA ALA A 191 -23.29 -12.82 23.63
C ALA A 191 -23.37 -12.74 25.13
N GLU A 192 -23.25 -13.86 25.81
CA GLU A 192 -23.31 -13.84 27.26
C GLU A 192 -22.18 -14.56 27.87
N ILE A 193 -21.32 -13.80 28.54
CA ILE A 193 -20.30 -14.42 29.37
C ILE A 193 -21.04 -14.41 30.71
N ASN A 194 -21.30 -15.55 31.32
CA ASN A 194 -22.11 -15.48 32.56
C ASN A 194 -21.47 -16.23 33.72
N GLY B 1 24.06 -3.95 16.89
CA GLY B 1 23.22 -5.18 17.09
C GLY B 1 21.84 -4.83 17.64
N ALA B 2 20.89 -4.55 16.70
CA ALA B 2 19.48 -4.10 16.96
C ALA B 2 19.25 -2.61 17.25
N VAL B 3 19.17 -1.78 16.23
CA VAL B 3 18.56 -0.48 16.45
C VAL B 3 17.11 -0.51 15.92
N VAL B 4 16.18 0.10 16.65
CA VAL B 4 14.76 0.19 16.21
C VAL B 4 14.28 1.65 16.02
N SER B 5 13.74 1.90 14.84
CA SER B 5 13.38 3.22 14.34
C SER B 5 11.85 3.40 14.42
N GLN B 6 11.35 4.62 14.33
CA GLN B 6 9.94 4.79 14.10
C GLN B 6 9.71 5.95 13.23
N HIS B 7 8.54 5.96 12.57
CA HIS B 7 8.22 6.89 11.55
C HIS B 7 6.68 7.06 11.47
N PRO B 8 6.16 8.29 11.58
CA PRO B 8 6.82 9.60 11.66
C PRO B 8 7.20 9.84 13.09
N SER B 9 7.66 11.02 13.43
CA SER B 9 8.01 11.21 14.84
C SER B 9 6.90 11.94 15.48
N MET B 10 6.15 12.68 14.69
CA MET B 10 4.86 13.19 15.18
C MET B 10 3.94 13.44 14.00
N VAL B 11 2.63 13.14 14.22
CA VAL B 11 1.58 13.38 13.24
C VAL B 11 0.29 13.94 13.90
N ILE B 12 -0.35 14.89 13.23
CA ILE B 12 -1.62 15.49 13.71
C ILE B 12 -2.65 15.24 12.64
N VAL B 13 -3.72 14.57 13.01
CA VAL B 13 -4.70 14.15 12.07
C VAL B 13 -6.10 14.68 12.52
N LYS B 14 -7.11 14.62 11.65
CA LYS B 14 -8.50 14.95 11.99
C LYS B 14 -9.26 13.72 12.49
N SER B 15 -10.29 13.94 13.32
CA SER B 15 -11.21 12.88 13.74
C SER B 15 -11.66 11.94 12.64
N GLY B 16 -11.76 10.66 12.95
CA GLY B 16 -12.35 9.75 11.99
C GLY B 16 -11.43 9.25 10.91
N THR B 17 -10.21 9.73 10.93
CA THR B 17 -9.25 9.36 9.87
C THR B 17 -8.47 8.11 10.30
N SER B 18 -7.61 7.59 9.44
CA SER B 18 -6.76 6.47 9.86
C SER B 18 -5.30 6.76 9.65
N VAL B 19 -4.49 6.47 10.68
CA VAL B 19 -3.13 6.95 10.76
C VAL B 19 -2.12 5.78 10.79
N LYS B 20 -1.19 5.78 9.87
CA LYS B 20 -0.27 4.67 9.80
C LYS B 20 1.10 5.08 10.31
N ILE B 21 1.55 4.32 11.30
CA ILE B 21 2.72 4.58 12.09
C ILE B 21 3.63 3.34 11.95
N GLU B 22 4.92 3.59 11.91
CA GLU B 22 5.90 2.56 11.54
C GLU B 22 6.99 2.30 12.56
N CYS B 23 7.34 1.02 12.65
CA CYS B 23 8.42 0.50 13.46
C CYS B 23 9.42 -0.26 12.56
N ARG B 24 10.66 0.19 12.58
CA ARG B 24 11.69 -0.33 11.72
C ARG B 24 12.79 -0.90 12.58
N SER B 25 13.47 -1.94 12.07
CA SER B 25 14.68 -2.49 12.68
C SER B 25 15.54 -3.07 11.59
N LEU B 26 16.76 -2.55 11.41
CA LEU B 26 17.68 -3.13 10.38
C LEU B 26 18.08 -4.56 10.71
N ASP B 27 18.94 -4.72 11.72
CA ASP B 27 19.49 -6.04 12.01
C ASP B 27 18.83 -6.67 13.26
N THR B 28 18.52 -7.96 13.22
CA THR B 28 18.57 -8.80 12.00
C THR B 28 17.56 -9.93 12.13
N ASN B 29 17.66 -10.67 13.23
CA ASN B 29 16.80 -11.83 13.49
C ASN B 29 15.43 -11.34 13.93
N ILE B 30 15.36 -10.90 15.19
CA ILE B 30 14.17 -10.23 15.79
C ILE B 30 12.89 -11.04 15.63
N HIS B 31 12.45 -11.59 16.76
CA HIS B 31 11.37 -12.56 16.68
C HIS B 31 10.06 -12.01 17.22
N THR B 32 10.11 -10.78 17.75
CA THR B 32 8.95 -10.12 18.32
C THR B 32 9.15 -8.61 18.31
N MET B 33 8.17 -7.88 17.74
CA MET B 33 8.03 -6.46 17.94
C MET B 33 6.80 -6.25 18.86
N PHE B 34 6.94 -5.37 19.85
CA PHE B 34 5.88 -5.04 20.78
C PHE B 34 5.43 -3.61 20.46
N TRP B 35 4.16 -3.30 20.72
CA TRP B 35 3.64 -1.93 20.54
C TRP B 35 3.03 -1.45 21.82
N TYR B 36 3.34 -0.21 22.18
CA TYR B 36 3.02 0.37 23.47
C TYR B 36 2.35 1.73 23.27
N ARG B 37 1.47 2.10 24.21
CA ARG B 37 0.66 3.30 24.09
C ARG B 37 0.68 4.00 25.41
N GLN B 38 1.24 5.21 25.40
CA GLN B 38 1.18 6.09 26.57
C GLN B 38 0.16 7.25 26.38
N PHE B 39 -0.87 7.29 27.21
CA PHE B 39 -1.84 8.39 27.16
C PHE B 39 -1.18 9.60 27.80
N PRO B 40 -1.68 10.83 27.52
CA PRO B 40 -1.18 11.96 28.31
C PRO B 40 -1.62 11.79 29.76
N LYS B 41 -0.72 12.16 30.67
CA LYS B 41 -0.90 12.11 32.14
C LYS B 41 -0.95 10.70 32.65
N GLN B 42 -0.53 9.76 31.81
CA GLN B 42 -0.67 8.33 32.10
C GLN B 42 0.54 7.50 31.75
N SER B 43 0.40 6.22 32.08
CA SER B 43 1.46 5.24 31.93
C SER B 43 1.58 4.65 30.55
N LEU B 44 2.81 4.22 30.23
CA LEU B 44 3.13 3.40 29.07
C LEU B 44 2.65 1.95 29.20
N MET B 45 1.84 1.54 28.23
CA MET B 45 1.14 0.28 28.34
C MET B 45 1.20 -0.56 27.10
N LEU B 46 1.49 -1.83 27.30
CA LEU B 46 1.56 -2.71 26.15
C LEU B 46 0.18 -2.79 25.52
N MET B 47 0.15 -2.62 24.20
CA MET B 47 -1.11 -2.81 23.49
C MET B 47 -1.11 -4.15 22.76
N ALA B 48 0.03 -4.51 22.19
CA ALA B 48 0.10 -5.75 21.45
C ALA B 48 1.51 -6.29 21.29
N THR B 49 1.58 -7.60 21.14
CA THR B 49 2.83 -8.23 20.78
C THR B 49 2.71 -9.08 19.53
N SER B 50 3.59 -8.78 18.59
CA SER B 50 3.58 -9.33 17.27
C SER B 50 4.78 -10.29 17.10
N HIS B 51 4.51 -11.59 17.14
CA HIS B 51 5.49 -12.60 16.85
C HIS B 51 5.66 -12.65 15.35
N GLN B 52 6.84 -13.04 14.90
CA GLN B 52 7.29 -12.66 13.55
C GLN B 52 6.47 -13.07 12.29
N GLY B 53 5.84 -14.24 12.32
CA GLY B 53 4.97 -14.66 11.20
C GLY B 53 3.53 -14.95 11.62
N PHE B 54 3.08 -14.30 12.68
CA PHE B 54 1.71 -14.45 13.22
C PHE B 54 1.01 -13.09 13.28
N ASN B 55 -0.30 -13.09 13.55
CA ASN B 55 -0.97 -11.82 13.74
C ASN B 55 -0.58 -11.41 15.11
N ALA B 56 -0.71 -10.13 15.44
CA ALA B 56 -0.33 -9.66 16.73
C ALA B 56 -1.38 -10.10 17.76
N ILE B 57 -0.94 -10.25 19.03
CA ILE B 57 -1.73 -10.72 20.14
C ILE B 57 -1.94 -9.51 21.02
N TYR B 58 -3.22 -9.15 21.14
CA TYR B 58 -3.65 -7.90 21.70
C TYR B 58 -4.00 -7.95 23.17
N GLU B 59 -3.60 -6.89 23.87
CA GLU B 59 -3.79 -6.80 25.28
C GLU B 59 -5.22 -6.30 25.51
N GLN B 60 -5.64 -6.25 26.74
CA GLN B 60 -7.04 -5.91 27.05
C GLN B 60 -7.32 -4.46 26.72
N GLY B 61 -8.43 -4.23 26.01
CA GLY B 61 -8.94 -2.89 25.75
C GLY B 61 -8.54 -2.48 24.34
N VAL B 62 -7.64 -3.26 23.76
CA VAL B 62 -7.16 -2.99 22.42
C VAL B 62 -7.89 -3.95 21.43
N VAL B 63 -8.45 -3.40 20.35
CA VAL B 63 -9.15 -4.17 19.32
C VAL B 63 -8.40 -4.12 18.02
N LYS B 64 -8.34 -5.25 17.33
CA LYS B 64 -7.49 -5.41 16.16
C LYS B 64 -7.84 -4.43 15.06
N ASP B 65 -9.13 -4.07 14.96
CA ASP B 65 -9.54 -3.23 13.86
C ASP B 65 -9.40 -1.76 14.12
N LYS B 66 -9.36 -1.39 15.40
CA LYS B 66 -9.06 -0.05 15.84
C LYS B 66 -7.51 0.19 15.77
N PHE B 67 -6.71 -0.78 16.21
CA PHE B 67 -5.25 -0.60 16.09
C PHE B 67 -4.70 -1.72 15.27
N LEU B 68 -4.75 -1.57 13.96
CA LEU B 68 -4.39 -2.64 13.07
C LEU B 68 -2.89 -2.79 13.00
N ILE B 69 -2.39 -4.00 13.18
CA ILE B 69 -0.95 -4.27 13.14
C ILE B 69 -0.60 -5.12 11.96
N ASN B 70 0.33 -4.62 11.17
CA ASN B 70 0.80 -5.33 9.99
C ASN B 70 2.31 -5.49 10.01
N HIS B 71 2.77 -6.72 10.15
CA HIS B 71 4.20 -6.95 10.24
C HIS B 71 4.65 -7.33 8.84
N ALA B 72 4.35 -6.47 7.85
CA ALA B 72 4.50 -6.84 6.44
C ALA B 72 5.88 -7.47 6.13
N SER B 73 6.90 -6.63 5.94
CA SER B 73 8.27 -7.19 5.72
C SER B 73 8.82 -7.62 7.08
N PRO B 74 9.91 -8.44 7.12
CA PRO B 74 10.44 -8.85 8.43
C PRO B 74 11.05 -7.75 9.32
N THR B 75 11.42 -6.61 8.72
CA THR B 75 12.05 -5.45 9.39
C THR B 75 11.05 -4.27 9.65
N LEU B 76 9.89 -4.33 8.99
CA LEU B 76 8.90 -3.27 9.08
C LEU B 76 7.62 -3.79 9.73
N SER B 77 7.20 -3.18 10.83
CA SER B 77 5.89 -3.40 11.42
C SER B 77 5.13 -2.06 11.37
N THR B 78 3.91 -2.04 10.89
CA THR B 78 3.13 -0.82 10.93
C THR B 78 1.95 -0.94 11.89
N LEU B 79 1.65 0.14 12.58
CA LEU B 79 0.42 0.21 13.35
C LEU B 79 -0.44 1.28 12.72
N THR B 80 -1.70 0.97 12.47
CA THR B 80 -2.61 2.02 11.98
C THR B 80 -3.82 2.20 12.92
N VAL B 81 -3.97 3.40 13.49
CA VAL B 81 -5.16 3.70 14.33
C VAL B 81 -6.21 4.18 13.39
N THR B 82 -7.32 3.45 13.35
CA THR B 82 -8.37 3.77 12.41
C THR B 82 -9.44 4.56 13.17
N SER B 83 -10.38 5.18 12.44
CA SER B 83 -11.47 5.96 13.04
C SER B 83 -10.99 6.84 14.20
N ALA B 84 -9.92 7.61 13.93
CA ALA B 84 -9.22 8.33 14.99
C ALA B 84 -10.17 9.23 15.78
N HIS B 85 -9.97 9.29 17.09
CA HIS B 85 -10.72 10.08 18.03
C HIS B 85 -9.69 10.83 18.90
N PRO B 86 -9.99 12.09 19.31
CA PRO B 86 -9.10 12.76 20.25
C PRO B 86 -8.50 11.93 21.40
N GLU B 87 -9.25 10.96 21.93
CA GLU B 87 -8.80 10.14 23.05
C GLU B 87 -7.69 9.16 22.65
N ASP B 88 -7.40 9.00 21.36
CA ASP B 88 -6.26 8.15 20.90
C ASP B 88 -4.95 8.91 20.84
N SER B 89 -5.05 10.24 20.98
CA SER B 89 -3.88 11.11 21.14
C SER B 89 -2.96 10.55 22.21
N GLY B 90 -1.65 10.55 21.91
CA GLY B 90 -0.67 9.96 22.80
C GLY B 90 0.62 9.62 22.08
N PHE B 91 1.57 9.13 22.86
CA PHE B 91 2.87 8.65 22.38
C PHE B 91 2.77 7.14 22.09
N TYR B 92 3.13 6.72 20.90
CA TYR B 92 3.09 5.30 20.54
C TYR B 92 4.50 4.74 20.37
N VAL B 93 4.86 3.77 21.18
CA VAL B 93 6.24 3.28 21.10
C VAL B 93 6.33 1.77 20.89
N CYS B 94 7.10 1.39 19.90
CA CYS B 94 7.34 0.00 19.63
C CYS B 94 8.63 -0.39 20.32
N SER B 95 8.99 -1.67 20.26
CA SER B 95 10.24 -2.19 20.77
C SER B 95 10.41 -3.61 20.28
N ALA B 96 11.66 -4.02 20.07
CA ALA B 96 12.00 -5.37 19.59
C ALA B 96 12.68 -6.20 20.69
N LEU B 97 12.53 -7.54 20.65
CA LEU B 97 13.47 -8.43 21.38
C LEU B 97 14.20 -9.47 20.49
N ALA B 98 15.38 -9.86 20.97
CA ALA B 98 16.28 -10.78 20.25
C ALA B 98 16.24 -12.21 20.80
N GLY B 99 15.96 -13.17 19.93
CA GLY B 99 15.68 -14.55 20.36
C GLY B 99 16.92 -15.25 20.88
N SER B 100 16.76 -16.36 21.60
CA SER B 100 15.43 -16.90 21.97
C SER B 100 15.02 -16.45 23.37
N GLY B 101 15.78 -16.92 24.38
CA GLY B 101 15.51 -16.61 25.81
C GLY B 101 14.03 -16.67 26.15
N SER B 102 13.55 -15.75 27.02
CA SER B 102 12.10 -15.72 27.37
C SER B 102 11.37 -14.31 27.36
N SER B 103 11.38 -13.49 28.45
CA SER B 103 11.94 -13.68 29.84
C SER B 103 13.47 -13.82 30.04
N THR B 104 14.02 -12.86 30.81
CA THR B 104 15.48 -12.62 30.89
C THR B 104 16.11 -12.55 29.49
N ASP B 105 15.73 -11.46 28.81
CA ASP B 105 15.90 -11.27 27.37
C ASP B 105 15.55 -9.81 27.05
N THR B 106 16.51 -9.11 26.44
CA THR B 106 16.56 -7.63 26.31
C THR B 106 15.60 -7.09 25.25
N GLN B 107 14.98 -5.97 25.58
CA GLN B 107 14.04 -5.30 24.69
C GLN B 107 14.67 -3.97 24.20
N TYR B 108 14.73 -3.77 22.88
CA TYR B 108 15.27 -2.54 22.32
C TYR B 108 14.11 -1.68 21.87
N PHE B 109 14.07 -0.43 22.31
CA PHE B 109 12.91 0.44 22.05
C PHE B 109 13.06 1.37 20.85
N GLY B 110 11.94 1.71 20.23
CA GLY B 110 11.96 2.76 19.23
C GLY B 110 11.97 4.09 19.97
N PRO B 111 12.20 5.20 19.24
CA PRO B 111 12.17 6.55 19.79
C PRO B 111 10.76 7.05 20.12
N GLY B 112 9.76 6.42 19.51
CA GLY B 112 8.37 6.79 19.81
C GLY B 112 7.81 7.79 18.79
N THR B 113 6.49 7.83 18.69
CA THR B 113 5.80 8.69 17.77
C THR B 113 4.51 9.23 18.42
N GLN B 114 4.41 10.55 18.37
CA GLN B 114 3.29 11.31 18.94
C GLN B 114 2.16 11.38 17.96
N LEU B 115 0.98 10.98 18.40
CA LEU B 115 -0.21 11.17 17.61
C LEU B 115 -1.06 12.21 18.30
N THR B 116 -1.53 13.18 17.56
CA THR B 116 -2.51 14.12 18.10
C THR B 116 -3.70 14.07 17.18
N VAL B 117 -4.86 13.81 17.72
CA VAL B 117 -6.02 13.85 16.85
C VAL B 117 -6.94 14.97 17.24
N LEU B 118 -7.27 15.81 16.28
CA LEU B 118 -8.13 16.96 16.56
C LEU B 118 -9.61 16.58 16.53
N SER C 1 5.31 28.52 -36.19
CA SER C 1 4.57 27.23 -36.36
C SER C 1 3.50 27.05 -35.27
N THR C 2 2.64 26.06 -35.45
CA THR C 2 1.70 25.67 -34.40
C THR C 2 1.88 24.17 -34.03
N ASN C 3 1.48 23.28 -34.95
CA ASN C 3 1.45 21.83 -34.69
C ASN C 3 2.80 21.26 -34.16
N ASP C 4 3.01 21.46 -32.86
CA ASP C 4 4.32 21.32 -32.23
C ASP C 4 4.56 19.97 -31.57
N ASN C 5 5.57 19.30 -32.14
CA ASN C 5 6.27 18.22 -31.48
C ASN C 5 6.37 18.52 -29.96
N ILE C 6 6.75 19.75 -29.63
CA ILE C 6 6.93 20.16 -28.24
C ILE C 6 5.59 20.53 -27.57
N LYS C 7 5.59 20.45 -26.24
CA LYS C 7 4.36 20.46 -25.44
C LYS C 7 3.79 19.08 -25.52
N ASP C 8 4.20 18.34 -26.55
CA ASP C 8 3.92 16.91 -26.61
C ASP C 8 5.09 16.14 -26.04
N LEU C 9 6.30 16.48 -26.48
CA LEU C 9 7.51 15.94 -25.90
C LEU C 9 7.61 16.33 -24.42
N LEU C 10 7.04 17.47 -24.05
CA LEU C 10 7.22 17.98 -22.70
C LEU C 10 6.25 17.32 -21.77
N ASP C 11 5.09 16.94 -22.28
CA ASP C 11 4.06 16.31 -21.46
C ASP C 11 4.26 14.82 -21.28
N TRP C 12 4.94 14.22 -22.24
CA TRP C 12 5.42 12.84 -22.11
C TRP C 12 6.58 12.76 -21.12
N TYR C 13 7.61 13.57 -21.35
CA TYR C 13 8.81 13.47 -20.53
C TYR C 13 8.74 14.11 -19.14
N SER C 14 7.86 15.10 -18.95
CA SER C 14 7.70 15.78 -17.66
C SER C 14 6.74 15.01 -16.79
N SER C 15 6.11 14.03 -17.40
CA SER C 15 5.18 13.24 -16.68
C SER C 15 5.84 12.12 -15.85
N GLY C 16 5.15 11.69 -14.80
CA GLY C 16 5.53 10.51 -14.09
C GLY C 16 5.50 9.22 -14.88
N SER C 17 5.76 8.09 -14.22
CA SER C 17 5.87 6.88 -14.94
C SER C 17 5.49 5.81 -14.00
N ASP C 18 5.18 4.62 -14.48
CA ASP C 18 4.82 3.48 -13.63
C ASP C 18 6.02 2.55 -13.33
N THR C 19 6.24 2.35 -12.05
CA THR C 19 7.25 1.39 -11.57
C THR C 19 6.62 0.37 -10.63
N PHE C 20 6.66 -0.88 -11.10
CA PHE C 20 6.22 -2.08 -10.40
C PHE C 20 7.41 -3.04 -10.35
N THR C 21 7.51 -3.77 -9.24
CA THR C 21 8.53 -4.77 -9.05
C THR C 21 7.86 -6.13 -8.85
N ASN C 22 8.53 -7.18 -9.26
CA ASN C 22 7.97 -8.51 -9.06
C ASN C 22 6.50 -8.68 -9.56
N SER C 23 6.15 -7.96 -10.65
CA SER C 23 4.94 -8.29 -11.41
C SER C 23 5.05 -9.69 -12.00
N GLU C 24 3.89 -10.29 -12.26
CA GLU C 24 3.86 -11.62 -12.88
C GLU C 24 3.28 -11.63 -14.28
N VAL C 25 3.89 -12.40 -15.15
CA VAL C 25 3.48 -12.51 -16.53
C VAL C 25 2.22 -13.38 -16.64
N LEU C 26 1.14 -12.79 -17.12
CA LEU C 26 -0.09 -13.55 -17.31
C LEU C 26 -0.02 -14.11 -18.70
N ASP C 27 0.59 -13.36 -19.60
CA ASP C 27 0.63 -13.80 -21.00
C ASP C 27 1.69 -13.06 -21.87
N ASN C 28 2.05 -13.64 -22.99
CA ASN C 28 2.99 -13.00 -23.95
C ASN C 28 2.65 -13.61 -25.31
N SER C 29 2.15 -12.85 -26.29
CA SER C 29 1.49 -13.52 -27.42
C SER C 29 1.54 -12.89 -28.80
N LEU C 30 1.25 -11.62 -28.92
CA LEU C 30 1.12 -11.06 -30.27
C LEU C 30 1.92 -9.76 -30.29
N GLY C 31 3.11 -9.80 -29.72
CA GLY C 31 3.92 -8.59 -29.57
C GLY C 31 3.54 -7.77 -28.35
N SER C 32 2.72 -8.36 -27.45
CA SER C 32 2.27 -7.69 -26.25
C SER C 32 2.27 -8.65 -25.08
N MET C 33 2.48 -8.08 -23.88
CA MET C 33 2.43 -8.85 -22.65
C MET C 33 1.25 -8.42 -21.76
N ARG C 34 0.67 -9.40 -21.08
CA ARG C 34 -0.38 -9.19 -20.08
C ARG C 34 0.23 -9.48 -18.73
N ILE C 35 0.09 -8.54 -17.80
CA ILE C 35 0.95 -8.57 -16.61
C ILE C 35 0.19 -8.22 -15.32
N LYS C 36 0.34 -9.04 -14.28
CA LYS C 36 -0.28 -8.72 -12.99
C LYS C 36 0.69 -8.05 -12.00
N ASN C 37 0.29 -6.86 -11.57
CA ASN C 37 1.10 -6.10 -10.61
C ASN C 37 0.72 -6.36 -9.15
N THR C 38 1.59 -5.96 -8.21
CA THR C 38 1.37 -6.33 -6.82
C THR C 38 0.61 -5.24 -6.06
N ASP C 39 -0.28 -4.53 -6.74
CA ASP C 39 -1.16 -3.59 -6.07
C ASP C 39 -2.54 -3.83 -6.60
N GLY C 40 -2.77 -5.06 -7.09
CA GLY C 40 -4.04 -5.41 -7.71
C GLY C 40 -4.40 -4.59 -8.95
N SER C 41 -3.42 -4.54 -9.86
CA SER C 41 -3.42 -3.69 -11.03
C SER C 41 -2.94 -4.63 -12.09
N ILE C 42 -3.41 -4.39 -13.33
CA ILE C 42 -3.01 -5.19 -14.48
C ILE C 42 -2.47 -4.30 -15.60
N SER C 43 -1.63 -4.88 -16.44
CA SER C 43 -0.95 -4.07 -17.43
C SER C 43 -0.97 -4.83 -18.75
N LEU C 44 -1.37 -4.15 -19.79
CA LEU C 44 -1.19 -4.66 -21.14
C LEU C 44 -0.04 -3.82 -21.73
N ILE C 45 1.05 -4.49 -22.12
CA ILE C 45 2.25 -3.77 -22.57
C ILE C 45 2.68 -4.19 -23.95
N ILE C 46 2.78 -3.24 -24.86
CA ILE C 46 3.18 -3.48 -26.23
C ILE C 46 4.71 -3.42 -26.41
N PHE C 47 5.24 -4.18 -27.35
CA PHE C 47 6.69 -4.10 -27.71
C PHE C 47 6.84 -4.07 -29.23
N PRO C 48 6.85 -2.86 -29.81
CA PRO C 48 6.91 -2.66 -31.27
C PRO C 48 8.30 -2.88 -31.96
N SER C 49 9.33 -3.16 -31.19
CA SER C 49 10.67 -3.31 -31.77
C SER C 49 11.03 -4.77 -32.11
N PRO C 50 11.49 -5.01 -33.34
CA PRO C 50 12.01 -6.34 -33.66
C PRO C 50 13.25 -6.75 -32.88
N TYR C 51 13.94 -5.79 -32.29
CA TYR C 51 15.15 -6.09 -31.54
C TYR C 51 14.99 -6.22 -30.05
N TYR C 52 13.81 -5.82 -29.55
CA TYR C 52 13.47 -5.94 -28.17
C TYR C 52 12.12 -6.54 -28.06
N SER C 53 12.12 -7.78 -27.68
CA SER C 53 10.98 -8.58 -27.80
C SER C 53 11.04 -9.59 -26.68
N PRO C 54 10.51 -9.21 -25.47
CA PRO C 54 10.56 -10.05 -24.26
C PRO C 54 10.14 -11.48 -24.49
N ALA C 55 10.85 -12.41 -23.84
CA ALA C 55 10.64 -13.85 -24.00
C ALA C 55 10.03 -14.47 -22.73
N PHE C 56 9.71 -13.61 -21.77
CA PHE C 56 9.12 -14.01 -20.51
C PHE C 56 7.76 -14.71 -20.71
N THR C 57 7.60 -15.90 -20.14
CA THR C 57 6.47 -16.77 -20.36
C THR C 57 5.54 -16.68 -19.14
N LYS C 58 4.30 -17.17 -19.27
CA LYS C 58 3.33 -17.04 -18.19
C LYS C 58 3.89 -17.58 -16.88
N GLY C 59 3.79 -16.81 -15.82
CA GLY C 59 4.27 -17.28 -14.52
C GLY C 59 5.60 -16.66 -14.05
N GLU C 60 6.43 -16.28 -15.01
CA GLU C 60 7.66 -15.57 -14.72
C GLU C 60 7.37 -14.21 -14.14
N LYS C 61 8.30 -13.79 -13.29
CA LYS C 61 8.30 -12.47 -12.63
C LYS C 61 9.17 -11.49 -13.40
N VAL C 62 8.58 -10.30 -13.50
CA VAL C 62 9.14 -9.22 -14.26
C VAL C 62 9.07 -7.93 -13.43
N ASP C 63 9.92 -7.00 -13.82
CA ASP C 63 9.93 -5.66 -13.30
C ASP C 63 9.49 -4.75 -14.41
N LEU C 64 8.69 -3.74 -14.04
CA LEU C 64 8.17 -2.70 -14.95
C LEU C 64 8.63 -1.27 -14.63
N ASN C 65 9.29 -0.66 -15.60
CA ASN C 65 9.60 0.74 -15.53
C ASN C 65 9.14 1.30 -16.83
N THR C 66 7.88 1.78 -16.87
CA THR C 66 7.17 1.94 -18.12
C THR C 66 6.32 3.19 -18.21
N LYS C 67 5.89 3.54 -19.41
CA LYS C 67 5.10 4.71 -19.63
C LYS C 67 3.76 4.33 -20.20
N ARG C 68 2.76 5.18 -19.98
CA ARG C 68 1.39 4.90 -20.37
C ARG C 68 1.16 5.42 -21.76
N THR C 69 0.55 4.60 -22.63
CA THR C 69 0.31 5.03 -24.01
C THR C 69 -1.08 5.64 -24.14
N LYS C 70 -1.97 5.31 -23.22
CA LYS C 70 -3.24 5.98 -23.16
C LYS C 70 -3.76 5.80 -21.74
N LYS C 71 -4.90 6.41 -21.48
CA LYS C 71 -5.59 6.38 -20.18
C LYS C 71 -5.78 4.98 -19.65
N SER C 72 -5.46 4.76 -18.38
CA SER C 72 -5.81 3.52 -17.71
C SER C 72 -7.30 3.51 -17.32
N GLN C 73 -7.88 2.31 -17.15
CA GLN C 73 -9.30 2.19 -16.94
C GLN C 73 -9.56 1.19 -15.85
N HIS C 74 -10.68 1.36 -15.14
CA HIS C 74 -11.09 0.39 -14.13
C HIS C 74 -11.94 -0.67 -14.80
N THR C 75 -12.07 -1.80 -14.12
CA THR C 75 -12.86 -2.94 -14.56
C THR C 75 -13.78 -3.48 -13.44
N SER C 76 -14.28 -4.69 -13.66
CA SER C 76 -14.94 -5.43 -12.63
C SER C 76 -15.05 -6.85 -13.15
N GLU C 77 -14.46 -7.87 -12.50
CA GLU C 77 -13.56 -7.90 -11.29
C GLU C 77 -13.27 -6.74 -10.27
N GLY C 78 -13.13 -5.51 -10.79
CA GLY C 78 -12.85 -4.32 -9.95
C GLY C 78 -11.36 -4.04 -9.84
N THR C 79 -10.64 -4.08 -10.99
CA THR C 79 -9.19 -3.75 -11.03
C THR C 79 -8.82 -2.71 -12.08
N TYR C 80 -7.80 -1.93 -11.73
CA TYR C 80 -7.21 -0.92 -12.60
C TYR C 80 -6.39 -1.60 -13.73
N ILE C 81 -6.68 -1.27 -15.00
CA ILE C 81 -5.84 -1.75 -16.12
C ILE C 81 -4.97 -0.65 -16.74
N HIS C 82 -3.66 -0.91 -16.93
CA HIS C 82 -2.78 0.03 -17.63
C HIS C 82 -2.36 -0.38 -19.02
N PHE C 83 -2.17 0.61 -19.88
CA PHE C 83 -1.74 0.34 -21.20
C PHE C 83 -0.41 0.99 -21.36
N GLN C 84 0.61 0.16 -21.46
CA GLN C 84 1.97 0.70 -21.46
C GLN C 84 2.74 0.20 -22.67
N ILE C 85 3.94 0.71 -22.79
CA ILE C 85 4.83 0.45 -23.88
C ILE C 85 6.25 0.20 -23.35
N SER C 86 6.75 -0.99 -23.62
CA SER C 86 8.08 -1.54 -23.21
C SER C 86 8.42 -1.38 -21.77
N GLY C 87 9.72 -1.54 -21.45
CA GLY C 87 10.23 -1.35 -20.10
C GLY C 87 9.89 -2.47 -19.15
N VAL C 88 9.73 -3.65 -19.69
CA VAL C 88 9.58 -4.89 -18.94
C VAL C 88 11.00 -5.55 -18.89
N THR C 89 11.54 -5.81 -17.69
CA THR C 89 12.87 -6.45 -17.54
C THR C 89 12.78 -7.62 -16.55
N ASN C 90 13.89 -8.38 -16.42
CA ASN C 90 14.01 -9.33 -15.31
C ASN C 90 13.99 -8.63 -13.94
N THR C 91 13.75 -9.39 -12.89
CA THR C 91 13.69 -8.83 -11.52
C THR C 91 15.04 -8.84 -10.77
N GLU C 92 16.16 -9.04 -11.50
CA GLU C 92 17.50 -9.11 -10.86
C GLU C 92 17.93 -7.77 -10.35
N LYS C 93 18.31 -7.77 -9.07
CA LYS C 93 18.60 -6.58 -8.33
C LYS C 93 20.07 -6.49 -8.05
N LEU C 94 20.49 -5.24 -7.88
CA LEU C 94 21.77 -4.85 -7.37
C LEU C 94 21.72 -4.86 -5.85
N PRO C 95 22.84 -5.24 -5.19
CA PRO C 95 22.90 -5.28 -3.73
C PRO C 95 22.72 -3.90 -3.08
N THR C 96 23.15 -2.85 -3.77
CA THR C 96 23.04 -1.46 -3.31
C THR C 96 22.56 -0.62 -4.51
N PRO C 97 21.61 0.31 -4.30
CA PRO C 97 21.30 1.29 -5.34
C PRO C 97 22.54 2.03 -5.84
N ILE C 98 22.65 2.22 -7.16
CA ILE C 98 23.75 3.01 -7.72
C ILE C 98 23.23 4.21 -8.47
N GLU C 99 24.02 5.26 -8.44
CA GLU C 99 23.80 6.42 -9.26
C GLU C 99 24.49 6.23 -10.61
N LEU C 100 23.70 6.44 -11.66
CA LEU C 100 24.20 6.30 -13.01
C LEU C 100 24.89 7.59 -13.38
N PRO C 101 26.10 7.47 -14.02
CA PRO C 101 26.95 8.66 -14.20
C PRO C 101 26.44 9.58 -15.29
N LEU C 102 25.49 10.46 -14.94
CA LEU C 102 24.99 11.44 -15.85
C LEU C 102 25.71 12.80 -15.68
N LYS C 103 26.13 13.36 -16.82
CA LYS C 103 26.63 14.74 -16.91
C LYS C 103 25.82 15.48 -17.95
N VAL C 104 25.28 16.61 -17.56
CA VAL C 104 24.48 17.41 -18.45
C VAL C 104 25.25 18.69 -18.79
N LYS C 105 25.04 19.19 -20.01
CA LYS C 105 25.44 20.54 -20.40
C LYS C 105 24.28 21.36 -20.93
N VAL C 106 24.20 22.57 -20.41
CA VAL C 106 23.26 23.52 -20.93
C VAL C 106 24.09 24.74 -21.22
N HIS C 107 23.98 25.23 -22.46
CA HIS C 107 24.75 26.36 -22.97
C HIS C 107 26.25 26.09 -22.86
N GLY C 108 26.64 24.83 -23.06
CA GLY C 108 28.06 24.47 -23.13
C GLY C 108 28.69 24.51 -21.77
N LYS C 109 27.85 24.64 -20.75
CA LYS C 109 28.31 24.68 -19.36
C LYS C 109 27.70 23.49 -18.58
N ASP C 110 28.56 22.69 -17.92
CA ASP C 110 28.06 21.69 -16.93
C ASP C 110 26.89 22.21 -16.09
N SER C 111 25.79 21.45 -16.10
CA SER C 111 24.58 21.80 -15.37
C SER C 111 24.49 20.76 -14.24
N PRO C 112 24.69 21.19 -12.97
CA PRO C 112 24.53 20.36 -11.78
C PRO C 112 23.20 19.63 -11.79
N LEU C 113 23.20 18.35 -11.41
CA LEU C 113 21.96 17.56 -11.37
C LEU C 113 21.16 17.83 -10.08
N LYS C 114 19.91 17.42 -10.07
CA LYS C 114 19.11 17.49 -8.85
C LYS C 114 18.05 16.36 -8.91
N TYR C 115 17.87 15.63 -7.81
CA TYR C 115 16.92 14.53 -7.79
C TYR C 115 17.16 13.49 -8.90
N TRP C 116 18.42 13.29 -9.28
CA TRP C 116 18.74 12.25 -10.22
C TRP C 116 18.68 10.98 -9.41
N PRO C 117 17.77 10.02 -9.77
CA PRO C 117 17.52 8.88 -8.88
C PRO C 117 18.61 7.80 -8.96
N LYS C 118 18.65 6.95 -7.93
CA LYS C 118 19.53 5.79 -7.89
C LYS C 118 18.76 4.57 -8.35
N PHE C 119 19.48 3.61 -8.95
CA PHE C 119 18.84 2.36 -9.36
C PHE C 119 19.41 1.11 -8.71
N ASP C 120 18.51 0.19 -8.42
CA ASP C 120 18.84 -1.09 -7.76
C ASP C 120 18.51 -2.34 -8.57
N LYS C 121 18.24 -2.18 -9.86
CA LYS C 121 18.04 -3.26 -10.82
C LYS C 121 19.33 -3.46 -11.64
N LYS C 122 19.65 -4.69 -12.00
CA LYS C 122 20.78 -4.93 -12.90
C LYS C 122 20.48 -4.43 -14.32
N GLN C 123 19.23 -4.62 -14.78
CA GLN C 123 18.87 -4.27 -16.12
C GLN C 123 17.81 -3.17 -16.21
N LEU C 124 18.04 -2.23 -17.14
CA LEU C 124 16.97 -1.32 -17.54
C LEU C 124 16.86 -1.30 -19.05
N ALA C 125 15.62 -1.10 -19.51
CA ALA C 125 15.33 -0.96 -20.91
C ALA C 125 15.88 0.37 -21.37
N ILE C 126 16.35 0.39 -22.62
CA ILE C 126 16.88 1.62 -23.20
C ILE C 126 15.80 2.75 -23.20
N SER C 127 14.60 2.44 -23.61
CA SER C 127 13.45 3.41 -23.40
C SER C 127 13.36 3.90 -21.98
N THR C 128 13.63 3.06 -21.00
CA THR C 128 13.56 3.51 -19.61
C THR C 128 14.67 4.49 -19.30
N LEU C 129 15.91 4.12 -19.66
CA LEU C 129 17.02 5.04 -19.58
C LEU C 129 16.61 6.35 -20.19
N ASP C 130 15.93 6.30 -21.32
CA ASP C 130 15.57 7.50 -22.07
C ASP C 130 14.59 8.39 -21.33
N PHE C 131 13.49 7.85 -20.80
CA PHE C 131 12.56 8.75 -20.08
C PHE C 131 13.04 9.24 -18.72
N GLU C 132 14.01 8.51 -18.15
CA GLU C 132 14.66 8.96 -16.93
C GLU C 132 15.61 10.09 -17.24
N ILE C 133 16.40 9.96 -18.32
CA ILE C 133 17.37 10.99 -18.69
C ILE C 133 16.63 12.27 -19.02
N ARG C 134 15.64 12.15 -19.89
CA ARG C 134 14.85 13.30 -20.30
C ARG C 134 14.02 13.91 -19.20
N HIS C 135 13.57 13.13 -18.23
CA HIS C 135 12.88 13.70 -17.06
C HIS C 135 13.83 14.55 -16.21
N GLN C 136 15.03 14.06 -16.00
CA GLN C 136 16.03 14.87 -15.35
C GLN C 136 16.20 16.19 -16.16
N LEU C 137 16.26 16.09 -17.49
CA LEU C 137 16.50 17.21 -18.38
C LEU C 137 15.30 18.14 -18.43
N THR C 138 14.09 17.62 -18.46
CA THR C 138 12.92 18.50 -18.56
C THR C 138 12.66 19.24 -17.25
N GLN C 139 12.89 18.55 -16.12
CA GLN C 139 12.51 19.08 -14.80
C GLN C 139 13.57 19.94 -14.10
N ILE C 140 14.84 19.76 -14.46
CA ILE C 140 15.92 20.48 -13.78
C ILE C 140 16.64 21.41 -14.73
N HIS C 141 16.64 21.11 -16.01
CA HIS C 141 17.58 21.78 -16.91
C HIS C 141 16.87 22.53 -18.05
N GLY C 142 15.54 22.58 -17.98
CA GLY C 142 14.73 23.35 -18.93
C GLY C 142 14.43 22.78 -20.31
N LEU C 143 14.84 21.54 -20.60
CA LEU C 143 14.52 20.91 -21.91
C LEU C 143 13.04 21.02 -22.23
N TYR C 144 12.73 21.48 -23.45
CA TYR C 144 11.36 21.72 -23.93
C TYR C 144 10.55 22.81 -23.19
N ARG C 145 11.22 23.67 -22.42
CA ARG C 145 10.49 24.68 -21.65
C ARG C 145 10.75 26.14 -22.11
N SER C 146 11.77 26.31 -22.96
CA SER C 146 12.10 27.56 -23.67
C SER C 146 12.88 27.21 -24.95
N SER C 147 12.69 28.02 -26.00
CA SER C 147 13.13 27.68 -27.37
C SER C 147 14.62 27.42 -27.42
N ASP C 148 15.29 28.14 -26.52
CA ASP C 148 16.60 27.81 -26.02
C ASP C 148 16.94 26.29 -26.03
N LYS C 149 16.07 25.49 -25.42
CA LYS C 149 16.37 24.07 -25.21
C LYS C 149 15.29 23.17 -25.80
N THR C 150 15.53 22.63 -27.00
CA THR C 150 14.47 21.87 -27.70
C THR C 150 15.13 20.72 -28.47
N GLY C 151 16.45 20.70 -28.42
CA GLY C 151 17.21 19.67 -29.10
C GLY C 151 18.39 19.23 -28.26
N GLY C 152 19.38 18.65 -28.90
CA GLY C 152 20.54 18.12 -28.19
C GLY C 152 20.43 16.62 -28.26
N TYR C 153 21.25 15.93 -27.48
CA TYR C 153 21.26 14.49 -27.53
C TYR C 153 21.50 13.95 -26.13
N TRP C 154 21.25 12.66 -25.94
CA TRP C 154 21.91 11.92 -24.85
C TRP C 154 22.71 10.76 -25.42
N LYS C 155 23.81 10.44 -24.77
CA LYS C 155 24.64 9.36 -25.20
C LYS C 155 25.08 8.56 -23.99
N ILE C 156 24.78 7.27 -24.00
CA ILE C 156 25.22 6.34 -23.00
C ILE C 156 26.37 5.55 -23.64
N THR C 157 27.46 5.38 -22.91
CA THR C 157 28.54 4.49 -23.35
C THR C 157 28.78 3.38 -22.34
N MET C 158 28.77 2.14 -22.79
CA MET C 158 29.13 1.01 -21.94
C MET C 158 30.64 0.91 -21.64
N ASN C 159 31.01 -0.06 -20.83
CA ASN C 159 32.37 -0.33 -20.48
C ASN C 159 33.17 -0.81 -21.70
N ASP C 160 32.47 -1.48 -22.63
CA ASP C 160 33.11 -2.08 -23.80
C ASP C 160 32.93 -1.20 -25.03
N GLY C 161 32.58 0.06 -24.81
CA GLY C 161 32.64 1.06 -25.86
C GLY C 161 31.47 1.16 -26.78
N SER C 162 30.56 0.18 -26.75
CA SER C 162 29.30 0.31 -27.51
C SER C 162 28.47 1.45 -26.92
N THR C 163 27.66 2.10 -27.75
CA THR C 163 27.01 3.34 -27.34
C THR C 163 25.48 3.32 -27.65
N TYR C 164 24.73 4.16 -26.94
CA TYR C 164 23.34 4.38 -27.29
C TYR C 164 23.14 5.88 -27.31
N GLN C 165 22.49 6.38 -28.35
CA GLN C 165 22.31 7.80 -28.46
C GLN C 165 20.92 8.07 -28.93
N SER C 166 20.35 9.16 -28.44
CA SER C 166 19.02 9.58 -28.82
C SER C 166 19.05 11.08 -28.98
N ASP C 167 18.34 11.59 -29.98
CA ASP C 167 18.29 13.04 -30.25
C ASP C 167 17.12 13.56 -29.49
N LEU C 168 17.32 14.65 -28.73
CA LEU C 168 16.27 15.18 -27.85
C LEU C 168 15.28 16.03 -28.60
N SER C 169 15.60 16.35 -29.86
CA SER C 169 14.71 17.11 -30.74
C SER C 169 13.59 16.23 -31.27
N LYS C 170 13.68 14.91 -31.01
CA LYS C 170 12.78 13.87 -31.55
C LYS C 170 12.25 12.99 -30.40
N LYS C 171 11.19 12.22 -30.65
CA LYS C 171 10.73 11.29 -29.63
C LYS C 171 11.62 10.04 -29.67
N PHE C 172 11.61 9.27 -28.60
CA PHE C 172 12.36 8.04 -28.57
C PHE C 172 11.73 7.11 -29.59
N GLU C 173 12.60 6.50 -30.39
CA GLU C 173 12.20 5.50 -31.35
C GLU C 173 11.89 4.18 -30.68
N TYR C 174 10.64 4.00 -30.23
CA TYR C 174 10.21 2.73 -29.67
C TYR C 174 10.29 1.57 -30.69
N ASN C 175 10.04 1.84 -31.98
CA ASN C 175 9.96 0.81 -33.01
C ASN C 175 11.27 0.17 -33.36
N THR C 176 12.36 0.79 -32.94
CA THR C 176 13.67 0.25 -33.24
C THR C 176 14.54 0.15 -31.98
N GLU C 177 13.85 0.02 -30.82
CA GLU C 177 14.49 -0.05 -29.55
C GLU C 177 15.29 -1.34 -29.40
N LYS C 178 16.51 -1.21 -28.88
CA LYS C 178 17.39 -2.34 -28.62
C LYS C 178 17.09 -2.92 -27.27
N PRO C 179 17.60 -4.13 -26.98
CA PRO C 179 17.23 -4.82 -25.74
C PRO C 179 17.79 -4.10 -24.47
N PRO C 180 17.32 -4.47 -23.27
CA PRO C 180 17.86 -3.83 -22.08
C PRO C 180 19.37 -4.09 -21.92
N ILE C 181 19.98 -3.28 -21.05
CA ILE C 181 21.38 -3.37 -20.75
C ILE C 181 21.61 -3.44 -19.25
N ASN C 182 22.74 -4.03 -18.87
CA ASN C 182 23.23 -4.01 -17.52
C ASN C 182 23.72 -2.62 -17.23
N ILE C 183 22.93 -1.92 -16.40
CA ILE C 183 23.19 -0.52 -16.08
C ILE C 183 24.47 -0.34 -15.26
N ASP C 184 24.85 -1.36 -14.52
CA ASP C 184 26.15 -1.34 -13.85
C ASP C 184 27.36 -1.31 -14.85
N GLU C 185 27.05 -1.47 -16.16
CA GLU C 185 28.08 -1.50 -17.21
C GLU C 185 28.13 -0.22 -18.00
N ILE C 186 27.28 0.73 -17.63
CA ILE C 186 27.26 2.06 -18.20
C ILE C 186 28.49 2.79 -17.67
N LYS C 187 29.28 3.37 -18.57
CA LYS C 187 30.54 4.06 -18.27
C LYS C 187 30.27 5.54 -18.04
N THR C 188 29.56 6.18 -18.97
CA THR C 188 29.01 7.51 -18.77
C THR C 188 27.66 7.61 -19.43
N ILE C 189 26.92 8.60 -18.99
CA ILE C 189 25.80 9.11 -19.71
C ILE C 189 26.10 10.59 -19.88
N GLU C 190 26.05 11.06 -21.13
CA GLU C 190 26.22 12.48 -21.43
C GLU C 190 24.94 13.00 -22.07
N ALA C 191 24.50 14.15 -21.62
CA ALA C 191 23.38 14.83 -22.27
C ALA C 191 23.82 16.24 -22.61
N GLU C 192 23.42 16.74 -23.77
CA GLU C 192 23.71 18.13 -24.09
C GLU C 192 22.46 18.71 -24.61
N ILE C 193 22.07 19.86 -24.08
CA ILE C 193 20.98 20.63 -24.66
C ILE C 193 21.53 21.83 -25.47
N ASN C 194 21.00 22.00 -26.69
CA ASN C 194 21.38 23.11 -27.57
C ASN C 194 20.20 23.99 -27.98
N GLY D 1 -20.77 20.45 -2.45
CA GLY D 1 -20.23 20.63 -3.85
C GLY D 1 -18.71 20.43 -3.92
N ALA D 2 -18.25 19.27 -3.43
CA ALA D 2 -16.82 18.82 -3.39
C ALA D 2 -15.98 19.47 -2.26
N VAL D 3 -16.18 18.92 -1.06
CA VAL D 3 -15.30 19.17 0.06
C VAL D 3 -14.10 18.20 -0.15
N VAL D 4 -12.92 18.78 -0.41
CA VAL D 4 -11.65 18.03 -0.52
C VAL D 4 -10.86 18.16 0.79
N SER D 5 -10.64 17.01 1.44
CA SER D 5 -9.81 16.94 2.65
C SER D 5 -8.39 16.54 2.27
N GLN D 6 -7.46 16.85 3.17
CA GLN D 6 -6.09 16.35 3.14
C GLN D 6 -5.80 15.64 4.45
N HIS D 7 -4.91 14.65 4.38
CA HIS D 7 -4.58 13.82 5.50
C HIS D 7 -3.09 13.49 5.34
N PRO D 8 -2.27 13.74 6.40
CA PRO D 8 -2.67 14.29 7.67
C PRO D 8 -2.63 15.81 7.64
N SER D 9 -3.03 16.47 8.71
CA SER D 9 -2.87 17.94 8.69
C SER D 9 -1.44 18.44 8.93
N MET D 10 -0.69 17.70 9.73
CA MET D 10 0.73 17.96 9.92
C MET D 10 1.49 16.70 10.29
N VAL D 11 2.73 16.63 9.82
CA VAL D 11 3.57 15.48 10.03
C VAL D 11 5.02 15.93 10.21
N ILE D 12 5.67 15.39 11.22
CA ILE D 12 7.07 15.71 11.40
C ILE D 12 7.81 14.41 11.27
N VAL D 13 8.82 14.41 10.42
CA VAL D 13 9.52 13.21 10.12
C VAL D 13 11.03 13.45 10.11
N LYS D 14 11.79 12.38 9.92
CA LYS D 14 13.25 12.46 9.93
C LYS D 14 13.83 12.35 8.54
N SER D 15 14.96 12.99 8.34
CA SER D 15 15.69 12.96 7.06
C SER D 15 15.83 11.59 6.44
N GLY D 16 15.68 11.55 5.12
CA GLY D 16 15.86 10.34 4.31
C GLY D 16 14.68 9.40 4.24
N THR D 17 13.64 9.75 4.99
CA THR D 17 12.43 8.95 5.13
C THR D 17 11.49 9.23 3.93
N SER D 18 10.44 8.44 3.70
CA SER D 18 9.41 8.91 2.75
C SER D 18 8.02 9.15 3.39
N VAL D 19 7.27 10.12 2.87
CA VAL D 19 6.11 10.64 3.62
C VAL D 19 4.88 10.78 2.73
N LYS D 20 3.83 10.07 3.08
CA LYS D 20 2.64 9.99 2.23
C LYS D 20 1.62 11.03 2.68
N ILE D 21 1.13 11.81 1.74
CA ILE D 21 0.11 12.84 1.98
C ILE D 21 -1.08 12.49 1.08
N GLU D 22 -2.27 12.52 1.66
CA GLU D 22 -3.50 12.13 0.96
C GLU D 22 -4.38 13.29 0.52
N CYS D 23 -5.10 13.08 -0.58
CA CYS D 23 -6.09 14.04 -1.05
C CYS D 23 -7.40 13.31 -1.36
N ARG D 24 -8.41 13.59 -0.55
CA ARG D 24 -9.69 12.90 -0.58
C ARG D 24 -10.76 13.83 -1.10
N SER D 25 -11.72 13.26 -1.85
CA SER D 25 -13.02 13.96 -2.13
C SER D 25 -14.20 12.99 -2.05
N LEU D 26 -15.34 13.44 -1.49
CA LEU D 26 -16.54 12.56 -1.44
C LEU D 26 -17.17 12.36 -2.83
N ASP D 27 -17.93 13.32 -3.30
CA ASP D 27 -18.46 13.24 -4.65
C ASP D 27 -17.43 13.74 -5.70
N THR D 28 -17.37 13.14 -6.90
CA THR D 28 -17.99 11.85 -7.33
C THR D 28 -17.46 11.72 -8.75
N ASN D 29 -17.10 12.90 -9.29
CA ASN D 29 -16.45 13.05 -10.58
C ASN D 29 -14.99 13.42 -10.32
N ILE D 30 -14.58 14.63 -10.73
CA ILE D 30 -13.19 15.07 -10.62
C ILE D 30 -12.30 14.33 -11.59
N HIS D 31 -11.84 15.08 -12.59
CA HIS D 31 -10.92 14.50 -13.56
C HIS D 31 -9.48 14.89 -13.19
N THR D 32 -9.34 15.95 -12.39
CA THR D 32 -8.03 16.54 -12.16
C THR D 32 -7.89 16.93 -10.71
N MET D 33 -6.83 16.41 -10.10
CA MET D 33 -6.36 16.84 -8.79
C MET D 33 -5.03 17.53 -8.99
N PHE D 34 -4.82 18.66 -8.32
CA PHE D 34 -3.62 19.46 -8.49
C PHE D 34 -2.85 19.40 -7.20
N TRP D 35 -1.52 19.29 -7.29
CA TRP D 35 -0.71 19.40 -6.10
C TRP D 35 0.09 20.64 -6.06
N TYR D 36 0.12 21.26 -4.90
CA TYR D 36 0.81 22.51 -4.70
C TYR D 36 1.70 22.40 -3.50
N ARG D 37 2.74 23.22 -3.53
CA ARG D 37 3.73 23.30 -2.47
C ARG D 37 3.88 24.76 -2.12
N GLN D 38 4.08 25.06 -0.84
CA GLN D 38 4.44 26.42 -0.40
C GLN D 38 5.64 26.38 0.55
N PHE D 39 6.76 26.90 0.12
CA PHE D 39 7.90 27.04 1.01
C PHE D 39 7.75 28.29 1.85
N PRO D 40 8.37 28.30 3.05
CA PRO D 40 8.33 29.49 3.89
C PRO D 40 8.78 30.74 3.14
N LYS D 41 7.95 31.77 3.24
CA LYS D 41 8.20 33.11 2.70
C LYS D 41 7.88 33.20 1.24
N GLN D 42 7.26 32.16 0.69
CA GLN D 42 7.16 32.08 -0.76
C GLN D 42 5.74 31.85 -1.20
N SER D 43 5.53 31.95 -2.50
CA SER D 43 4.26 31.63 -3.14
C SER D 43 3.85 30.18 -3.01
N LEU D 44 2.52 29.99 -2.98
CA LEU D 44 1.91 28.71 -3.19
C LEU D 44 1.98 28.34 -4.67
N MET D 45 2.95 27.49 -5.03
CA MET D 45 3.21 27.12 -6.40
C MET D 45 2.70 25.73 -6.79
N LEU D 46 2.41 25.58 -8.08
CA LEU D 46 1.99 24.31 -8.62
C LEU D 46 3.22 23.41 -8.84
N MET D 47 3.10 22.16 -8.42
CA MET D 47 4.19 21.25 -8.66
C MET D 47 3.77 20.10 -9.57
N ALA D 48 2.48 19.76 -9.55
CA ALA D 48 2.00 18.77 -10.47
C ALA D 48 0.51 18.86 -10.70
N THR D 49 0.09 18.61 -11.93
CA THR D 49 -1.32 18.39 -12.19
C THR D 49 -1.57 16.93 -12.58
N SER D 50 -2.56 16.33 -11.95
CA SER D 50 -2.83 14.92 -12.10
C SER D 50 -4.18 14.70 -12.76
N HIS D 51 -4.17 14.23 -14.02
CA HIS D 51 -5.42 13.82 -14.70
C HIS D 51 -5.63 12.34 -14.44
N GLN D 52 -6.82 11.99 -13.96
CA GLN D 52 -7.10 10.61 -13.52
C GLN D 52 -7.00 9.56 -14.65
N GLY D 53 -6.13 8.57 -14.46
CA GLY D 53 -5.85 7.52 -15.46
C GLY D 53 -4.49 7.70 -16.10
N PHE D 54 -3.92 8.88 -15.87
CA PHE D 54 -2.61 9.20 -16.35
C PHE D 54 -1.67 9.44 -15.16
N ASN D 55 -0.37 9.37 -15.44
CA ASN D 55 0.62 9.82 -14.48
C ASN D 55 0.56 11.35 -14.38
N ALA D 56 0.83 11.90 -13.19
CA ALA D 56 0.83 13.32 -12.99
C ALA D 56 1.86 13.97 -13.87
N ILE D 57 1.57 15.20 -14.27
CA ILE D 57 2.45 15.97 -15.12
C ILE D 57 3.11 17.03 -14.23
N TYR D 58 4.44 17.10 -14.30
CA TYR D 58 5.19 17.86 -13.33
C TYR D 58 5.70 19.19 -13.84
N GLU D 59 5.55 20.23 -13.02
CA GLU D 59 6.18 21.55 -13.26
C GLU D 59 7.70 21.55 -13.12
N GLN D 60 8.32 22.58 -13.69
CA GLN D 60 9.76 22.74 -13.60
C GLN D 60 10.18 22.61 -12.14
N GLY D 61 11.32 21.98 -11.92
CA GLY D 61 11.88 21.84 -10.58
C GLY D 61 11.38 20.68 -9.77
N VAL D 62 10.33 20.00 -10.24
CA VAL D 62 9.68 18.91 -9.46
C VAL D 62 9.89 17.58 -10.19
N VAL D 63 10.56 16.62 -9.55
CA VAL D 63 10.73 15.33 -10.23
C VAL D 63 9.87 14.20 -9.65
N LYS D 64 9.38 13.36 -10.57
CA LYS D 64 8.49 12.24 -10.27
C LYS D 64 9.06 11.39 -9.12
N ASP D 65 10.36 11.09 -9.17
CA ASP D 65 10.96 10.22 -8.16
C ASP D 65 10.94 10.83 -6.75
N LYS D 66 11.33 12.10 -6.61
CA LYS D 66 11.23 12.74 -5.29
C LYS D 66 9.76 13.05 -4.83
N PHE D 67 8.81 13.19 -5.74
CA PHE D 67 7.37 13.46 -5.40
C PHE D 67 6.46 12.52 -6.15
N LEU D 68 6.31 11.30 -5.66
CA LEU D 68 5.48 10.33 -6.35
C LEU D 68 4.00 10.63 -6.10
N ILE D 69 3.25 10.74 -7.20
CA ILE D 69 1.79 10.90 -7.17
C ILE D 69 1.09 9.63 -7.66
N ASN D 70 0.26 9.10 -6.78
CA ASN D 70 -0.64 8.03 -7.14
C ASN D 70 -2.06 8.58 -7.18
N HIS D 71 -2.67 8.56 -8.37
CA HIS D 71 -4.09 8.89 -8.54
C HIS D 71 -4.83 7.74 -9.25
N ALA D 72 -5.12 6.67 -8.50
CA ALA D 72 -5.87 5.53 -9.03
C ALA D 72 -7.33 5.93 -9.25
N SER D 73 -8.05 6.17 -8.13
CA SER D 73 -9.46 6.61 -8.14
C SER D 73 -9.64 8.15 -8.07
N PRO D 74 -10.86 8.66 -8.32
CA PRO D 74 -11.14 10.11 -8.29
C PRO D 74 -11.36 10.63 -6.85
N THR D 75 -11.51 9.69 -5.91
CA THR D 75 -11.46 9.96 -4.46
C THR D 75 -10.06 10.32 -3.95
N LEU D 76 -9.04 9.61 -4.44
CA LEU D 76 -7.76 9.65 -3.78
C LEU D 76 -6.54 9.85 -4.63
N SER D 77 -5.98 11.06 -4.50
CA SER D 77 -4.60 11.35 -4.89
C SER D 77 -3.66 11.31 -3.67
N THR D 78 -2.55 10.61 -3.78
CA THR D 78 -1.57 10.59 -2.71
C THR D 78 -0.26 11.14 -3.23
N LEU D 79 0.33 12.10 -2.54
CA LEU D 79 1.69 12.53 -2.80
C LEU D 79 2.67 11.91 -1.80
N THR D 80 3.74 11.28 -2.30
CA THR D 80 4.72 10.78 -1.38
C THR D 80 6.06 11.43 -1.68
N VAL D 81 6.55 12.25 -0.74
CA VAL D 81 7.88 12.81 -0.89
C VAL D 81 8.90 11.81 -0.33
N THR D 82 9.80 11.37 -1.18
CA THR D 82 10.74 10.33 -0.84
C THR D 82 12.08 10.95 -0.50
N SER D 83 12.93 10.22 0.21
CA SER D 83 14.20 10.77 0.66
C SER D 83 14.06 12.18 1.20
N ALA D 84 13.22 12.36 2.20
CA ALA D 84 12.94 13.65 2.80
C ALA D 84 14.18 14.34 3.37
N HIS D 85 14.45 15.54 2.90
CA HIS D 85 15.49 16.38 3.43
C HIS D 85 14.85 17.64 3.99
N PRO D 86 15.48 18.24 5.02
CA PRO D 86 14.95 19.46 5.70
C PRO D 86 14.38 20.55 4.78
N GLU D 87 15.00 20.70 3.60
CA GLU D 87 14.55 21.68 2.57
C GLU D 87 13.20 21.35 1.87
N ASP D 88 12.67 20.16 2.17
CA ASP D 88 11.33 19.78 1.73
C ASP D 88 10.24 20.27 2.64
N SER D 89 10.62 20.68 3.84
CA SER D 89 9.65 21.17 4.82
C SER D 89 8.85 22.32 4.23
N GLY D 90 7.54 22.20 4.26
CA GLY D 90 6.73 23.27 3.75
C GLY D 90 5.30 22.90 3.92
N PHE D 91 4.44 23.59 3.19
CA PHE D 91 3.04 23.36 3.26
C PHE D 91 2.58 22.77 1.93
N TYR D 92 1.90 21.64 2.00
CA TYR D 92 1.50 20.92 0.80
C TYR D 92 0.01 20.95 0.59
N VAL D 93 -0.44 21.48 -0.55
CA VAL D 93 -1.91 21.59 -0.71
C VAL D 93 -2.45 21.04 -2.02
N CYS D 94 -3.47 20.21 -1.92
CA CYS D 94 -4.08 19.68 -3.11
C CYS D 94 -5.34 20.51 -3.42
N SER D 95 -5.88 20.32 -4.62
CA SER D 95 -7.14 20.91 -5.04
C SER D 95 -7.80 20.01 -6.08
N ALA D 96 -9.12 20.17 -6.23
CA ALA D 96 -9.89 19.32 -7.14
C ALA D 96 -10.97 20.07 -7.93
N LEU D 97 -11.03 19.77 -9.22
CA LEU D 97 -12.08 20.26 -10.11
C LEU D 97 -12.69 19.12 -10.88
N ALA D 98 -13.93 19.32 -11.35
CA ALA D 98 -14.65 18.33 -12.15
C ALA D 98 -15.00 18.84 -13.55
N GLY D 99 -16.09 18.35 -14.12
CA GLY D 99 -16.52 18.80 -15.45
C GLY D 99 -17.41 20.04 -15.39
N SER D 100 -17.32 20.91 -16.42
CA SER D 100 -16.40 20.71 -17.55
C SER D 100 -15.09 21.56 -17.43
N GLY D 101 -15.22 22.87 -17.71
CA GLY D 101 -14.17 23.90 -17.50
C GLY D 101 -12.80 23.65 -18.13
N SER D 102 -11.79 24.39 -17.68
CA SER D 102 -10.39 24.09 -18.06
C SER D 102 -9.26 24.52 -17.08
N SER D 103 -8.86 25.80 -16.93
CA SER D 103 -9.24 27.06 -17.66
C SER D 103 -10.58 27.73 -17.28
N THR D 104 -10.45 28.76 -16.43
CA THR D 104 -11.59 29.49 -15.80
C THR D 104 -12.63 28.58 -15.07
N ASP D 105 -12.29 27.28 -14.99
CA ASP D 105 -13.04 26.32 -14.16
C ASP D 105 -12.86 26.67 -12.67
N THR D 106 -13.63 25.99 -11.80
CA THR D 106 -13.57 26.26 -10.37
C THR D 106 -12.76 25.18 -9.65
N GLN D 107 -11.85 25.64 -8.79
CA GLN D 107 -10.82 24.82 -8.16
C GLN D 107 -11.00 24.89 -6.67
N TYR D 108 -11.20 23.72 -6.07
CA TYR D 108 -11.49 23.58 -4.65
C TYR D 108 -10.30 23.00 -3.93
N PHE D 109 -9.81 23.74 -2.94
CA PHE D 109 -8.60 23.39 -2.23
C PHE D 109 -8.80 22.50 -1.02
N GLY D 110 -7.82 21.62 -0.79
CA GLY D 110 -7.70 20.94 0.48
C GLY D 110 -7.28 21.89 1.61
N PRO D 111 -7.38 21.46 2.86
CA PRO D 111 -6.98 22.34 3.97
C PRO D 111 -5.46 22.36 4.17
N GLY D 112 -4.73 21.64 3.31
CA GLY D 112 -3.27 21.67 3.29
C GLY D 112 -2.61 20.80 4.34
N THR D 113 -1.33 20.49 4.14
CA THR D 113 -0.61 19.71 5.14
C THR D 113 0.75 20.26 5.38
N GLN D 114 1.08 20.38 6.66
CA GLN D 114 2.38 20.84 7.06
C GLN D 114 3.40 19.67 7.19
N LEU D 115 4.41 19.69 6.33
CA LEU D 115 5.51 18.73 6.46
C LEU D 115 6.70 19.43 7.07
N THR D 116 7.20 18.85 8.18
CA THR D 116 8.48 19.23 8.71
C THR D 116 9.44 18.05 8.61
N VAL D 117 10.59 18.24 7.97
CA VAL D 117 11.68 17.25 7.98
C VAL D 117 12.81 17.68 8.93
N LEU D 118 13.13 16.85 9.90
CA LEU D 118 14.23 17.08 10.82
C LEU D 118 15.45 16.36 10.19
#